data_6YIV
#
_entry.id   6YIV
#
_cell.length_a   54.264
_cell.length_b   58.164
_cell.length_c   67.093
_cell.angle_alpha   90.000
_cell.angle_beta   90.000
_cell.angle_gamma   90.000
#
_symmetry.space_group_name_H-M   'P 21 21 21'
#
loop_
_entity.id
_entity.type
_entity.pdbx_description
1 polymer 'Cationic trypsin'
2 non-polymer [azanyl(piperidin-1-yl)methylidene]azanium
3 non-polymer 'SULFATE ION'
4 non-polymer 'DIMETHYL SULFOXIDE'
5 water water
#
_entity_poly.entity_id   1
_entity_poly.type   'polypeptide(L)'
_entity_poly.pdbx_seq_one_letter_code
;IVGGYTCGANTVPYQVSLNSGYHFCGGSLINSQWVVSAAHCYKSGIQVRLGEDNINVVEGNEQFISASKSIVHPSYNSNT
LNNDIMLIKLKSAASLNSRVASISLPTSCASAGTQCLISGWGNTKSSGTSYPDVLKCLKAPILSDSSCKSAYPGQITSNM
FCAGYLEGGKDSCQGDSGGPVVCSGKLQGIVSWGSGCAQKNKPGVYTKVCNYVSWIKQTIASN
;
_entity_poly.pdbx_strand_id   A
#
loop_
_chem_comp.id
_chem_comp.type
_chem_comp.name
_chem_comp.formula
D86 non-polymer [azanyl(piperidin-1-yl)methylidene]azanium 'C6 H14 N3 1'
DMS non-polymer 'DIMETHYL SULFOXIDE' 'C2 H6 O S'
SO4 non-polymer 'SULFATE ION' 'O4 S -2'
#
# COMPACT_ATOMS: atom_id res chain seq x y z
N ILE A 1 -5.97 -4.17 -8.33
CA ILE A 1 -5.81 -5.56 -7.89
C ILE A 1 -6.31 -6.48 -8.99
N VAL A 2 -5.46 -7.39 -9.44
CA VAL A 2 -5.81 -8.39 -10.45
C VAL A 2 -6.09 -9.70 -9.73
N GLY A 3 -7.22 -10.33 -10.06
CA GLY A 3 -7.51 -11.63 -9.52
C GLY A 3 -7.98 -11.64 -8.08
N GLY A 4 -8.45 -10.50 -7.59
CA GLY A 4 -8.94 -10.37 -6.24
C GLY A 4 -10.45 -10.49 -6.16
N TYR A 5 -11.00 -10.00 -5.06
CA TYR A 5 -12.43 -10.07 -4.78
C TYR A 5 -12.89 -8.71 -4.29
N THR A 6 -14.17 -8.44 -4.43
CA THR A 6 -14.74 -7.20 -3.89
C THR A 6 -14.72 -7.28 -2.37
N CYS A 7 -14.02 -6.35 -1.73
CA CYS A 7 -13.83 -6.44 -0.28
C CYS A 7 -15.18 -6.41 0.44
N GLY A 8 -16.04 -5.49 0.04
CA GLY A 8 -17.23 -5.08 0.76
C GLY A 8 -17.03 -3.70 1.33
N ALA A 9 -18.09 -2.89 1.28
CA ALA A 9 -17.97 -1.49 1.69
C ALA A 9 -17.47 -1.36 3.12
N ASN A 10 -16.41 -0.59 3.28
CA ASN A 10 -15.89 -0.17 4.58
C ASN A 10 -15.39 -1.33 5.43
N THR A 11 -15.04 -2.45 4.80
CA THR A 11 -14.47 -3.60 5.50
C THR A 11 -12.97 -3.50 5.70
N VAL A 12 -12.33 -2.48 5.11
CA VAL A 12 -10.88 -2.24 5.23
C VAL A 12 -10.74 -0.80 5.71
N PRO A 13 -10.98 -0.56 7.01
CA PRO A 13 -11.30 0.81 7.45
C PRO A 13 -10.10 1.74 7.52
N TYR A 14 -8.90 1.17 7.40
CA TYR A 14 -7.65 1.92 7.36
C TYR A 14 -7.25 2.28 5.94
N GLN A 15 -7.95 1.79 4.92
CA GLN A 15 -7.60 2.07 3.55
C GLN A 15 -8.01 3.49 3.18
N VAL A 16 -7.07 4.28 2.69
N VAL A 16 -7.05 4.20 2.59
CA VAL A 16 -7.41 5.61 2.19
CA VAL A 16 -7.15 5.57 2.14
C VAL A 16 -7.09 5.71 0.70
C VAL A 16 -7.13 5.62 0.61
N SER A 17 -7.81 6.61 0.04
CA SER A 17 -7.58 7.03 -1.33
C SER A 17 -6.93 8.41 -1.29
N LEU A 18 -5.82 8.59 -2.00
CA LEU A 18 -5.19 9.89 -2.17
C LEU A 18 -5.70 10.50 -3.46
N ASN A 19 -6.23 11.72 -3.36
CA ASN A 19 -6.94 12.37 -4.45
C ASN A 19 -6.30 13.73 -4.74
N SER A 20 -5.99 13.98 -6.01
CA SER A 20 -5.49 15.27 -6.47
C SER A 20 -6.33 15.75 -7.66
N GLY A 21 -7.65 15.64 -7.51
CA GLY A 21 -8.60 15.79 -8.62
C GLY A 21 -9.13 14.47 -9.11
N TYR A 22 -8.52 13.38 -8.66
CA TYR A 22 -8.74 12.02 -9.10
C TYR A 22 -7.94 11.16 -8.13
N HIS A 23 -8.36 9.90 -7.98
CA HIS A 23 -7.59 8.94 -7.20
C HIS A 23 -6.27 8.65 -7.92
N PHE A 24 -5.16 8.70 -7.20
CA PHE A 24 -3.88 8.36 -7.80
C PHE A 24 -3.06 7.35 -7.01
N CYS A 25 -3.38 7.09 -5.76
CA CYS A 25 -2.62 6.14 -4.96
C CYS A 25 -3.46 5.78 -3.75
N GLY A 26 -3.15 4.64 -3.16
CA GLY A 26 -3.66 4.29 -1.86
C GLY A 26 -2.77 4.77 -0.73
N GLY A 27 -3.22 4.49 0.50
CA GLY A 27 -2.47 4.76 1.71
C GLY A 27 -3.16 4.05 2.85
N SER A 28 -2.52 4.12 4.02
CA SER A 28 -3.01 3.48 5.23
C SER A 28 -3.05 4.49 6.37
N LEU A 29 -4.18 4.58 7.05
CA LEU A 29 -4.32 5.47 8.21
C LEU A 29 -3.67 4.80 9.40
N ILE A 30 -2.67 5.45 10.00
CA ILE A 30 -1.96 4.86 11.13
C ILE A 30 -2.23 5.56 12.46
N ASN A 31 -2.83 6.74 12.44
CA ASN A 31 -3.46 7.34 13.61
C ASN A 31 -4.43 8.38 13.08
N SER A 32 -5.08 9.14 13.97
CA SER A 32 -6.13 10.04 13.49
C SER A 32 -5.61 11.13 12.56
N GLN A 33 -4.31 11.40 12.53
CA GLN A 33 -3.81 12.50 11.74
C GLN A 33 -2.72 12.15 10.74
N TRP A 34 -2.37 10.87 10.58
CA TRP A 34 -1.24 10.49 9.74
C TRP A 34 -1.57 9.27 8.90
N VAL A 35 -1.10 9.34 7.65
CA VAL A 35 -1.22 8.29 6.66
C VAL A 35 0.17 7.89 6.18
N VAL A 36 0.35 6.56 6.00
N VAL A 36 0.36 6.60 5.94
CA VAL A 36 1.53 5.97 5.35
CA VAL A 36 1.60 6.16 5.34
C VAL A 36 1.19 5.68 3.89
C VAL A 36 1.29 5.61 3.96
N SER A 37 2.10 6.03 2.99
CA SER A 37 1.95 5.67 1.58
C SER A 37 3.33 5.41 0.99
N ALA A 38 3.40 5.29 -0.33
CA ALA A 38 4.66 5.09 -1.03
C ALA A 38 5.25 6.44 -1.41
N ALA A 39 6.57 6.58 -1.26
CA ALA A 39 7.26 7.80 -1.71
C ALA A 39 7.01 8.10 -3.18
N HIS A 40 6.88 7.07 -4.02
CA HIS A 40 6.67 7.33 -5.43
C HIS A 40 5.31 7.92 -5.73
N CYS A 41 4.42 7.96 -4.73
CA CYS A 41 3.14 8.65 -4.82
C CYS A 41 3.22 10.13 -4.50
N TYR A 42 4.39 10.66 -4.12
CA TYR A 42 4.48 12.05 -3.73
C TYR A 42 4.04 12.98 -4.87
N LYS A 43 3.25 13.99 -4.51
CA LYS A 43 2.96 15.11 -5.39
C LYS A 43 2.37 16.20 -4.52
N SER A 44 2.15 17.37 -5.15
CA SER A 44 1.46 18.50 -4.55
C SER A 44 -0.05 18.27 -4.52
N GLY A 45 -0.72 18.97 -3.61
CA GLY A 45 -2.16 19.09 -3.62
C GLY A 45 -2.91 17.82 -3.28
N ILE A 46 -2.48 17.14 -2.21
CA ILE A 46 -3.07 15.87 -1.83
C ILE A 46 -4.27 16.09 -0.90
N GLN A 47 -5.38 15.46 -1.22
CA GLN A 47 -6.51 15.31 -0.30
C GLN A 47 -6.62 13.84 0.08
N VAL A 48 -6.69 13.58 1.37
CA VAL A 48 -6.86 12.23 1.89
C VAL A 48 -8.35 11.93 1.99
N ARG A 49 -8.76 10.81 1.41
CA ARG A 49 -10.16 10.41 1.42
C ARG A 49 -10.31 9.10 2.18
N LEU A 50 -11.01 9.20 3.31
N LEU A 50 -11.02 9.18 3.31
CA LEU A 50 -11.25 8.11 4.24
CA LEU A 50 -11.22 8.09 4.24
C LEU A 50 -12.68 7.62 4.09
C LEU A 50 -12.68 7.66 4.18
N GLY A 51 -12.93 6.39 4.55
CA GLY A 51 -14.29 5.89 4.57
C GLY A 51 -14.89 5.62 3.20
N GLU A 52 -14.05 5.48 2.19
CA GLU A 52 -14.51 5.30 0.82
C GLU A 52 -14.91 3.87 0.55
N ASP A 53 -15.97 3.73 -0.26
CA ASP A 53 -16.41 2.48 -0.87
C ASP A 53 -16.20 2.63 -2.35
N ASN A 54 -17.16 3.14 -3.10
CA ASN A 54 -16.98 3.52 -4.48
C ASN A 54 -16.38 4.92 -4.50
N ILE A 55 -15.16 5.06 -5.04
CA ILE A 55 -14.48 6.34 -5.03
C ILE A 55 -15.10 7.37 -5.96
N ASN A 56 -16.07 6.98 -6.78
CA ASN A 56 -16.80 7.93 -7.60
C ASN A 56 -18.15 8.36 -7.02
N VAL A 57 -18.50 7.90 -5.82
CA VAL A 57 -19.82 8.18 -5.23
C VAL A 57 -19.64 8.58 -3.77
N VAL A 58 -20.38 9.59 -3.32
CA VAL A 58 -20.44 9.94 -1.91
C VAL A 58 -21.60 9.14 -1.31
N GLU A 59 -21.26 8.14 -0.50
CA GLU A 59 -22.23 7.19 0.02
C GLU A 59 -22.61 7.44 1.48
N GLY A 60 -21.83 8.23 2.21
CA GLY A 60 -22.24 8.63 3.53
C GLY A 60 -21.27 8.43 4.67
N ASN A 61 -20.20 7.65 4.47
CA ASN A 61 -19.23 7.41 5.52
C ASN A 61 -17.87 8.05 5.25
N GLU A 62 -17.79 8.88 4.22
CA GLU A 62 -16.54 9.48 3.82
C GLU A 62 -16.12 10.63 4.72
N GLN A 63 -14.80 10.81 4.82
CA GLN A 63 -14.20 12.03 5.35
C GLN A 63 -13.12 12.44 4.37
N PHE A 64 -13.20 13.68 3.88
CA PHE A 64 -12.24 14.22 2.92
C PHE A 64 -11.45 15.31 3.64
N ILE A 65 -10.14 15.11 3.78
CA ILE A 65 -9.31 16.00 4.60
C ILE A 65 -8.03 16.29 3.83
N SER A 66 -7.75 17.57 3.61
CA SER A 66 -6.55 17.95 2.89
C SER A 66 -5.31 17.69 3.74
N ALA A 67 -4.20 17.39 3.06
CA ALA A 67 -2.93 17.23 3.73
C ALA A 67 -2.33 18.58 4.09
N SER A 68 -1.71 18.65 5.27
CA SER A 68 -0.95 19.83 5.69
C SER A 68 0.53 19.74 5.33
N LYS A 69 1.06 18.53 5.20
CA LYS A 69 2.46 18.31 4.92
C LYS A 69 2.64 16.86 4.50
N SER A 70 3.69 16.61 3.73
N SER A 70 3.71 16.59 3.79
CA SER A 70 4.14 15.27 3.35
CA SER A 70 4.11 15.23 3.55
C SER A 70 5.63 15.16 3.65
C SER A 70 5.62 15.15 3.66
N ILE A 71 6.07 13.96 4.03
CA ILE A 71 7.46 13.69 4.35
C ILE A 71 7.86 12.41 3.64
N VAL A 72 8.63 12.56 2.56
CA VAL A 72 9.24 11.43 1.87
C VAL A 72 10.45 10.95 2.66
N HIS A 73 10.64 9.64 2.71
CA HIS A 73 11.77 9.10 3.46
C HIS A 73 13.07 9.74 2.99
N PRO A 74 13.96 10.09 3.91
CA PRO A 74 15.18 10.81 3.50
C PRO A 74 16.06 10.05 2.54
N SER A 75 15.98 8.72 2.53
CA SER A 75 16.84 7.88 1.71
C SER A 75 16.10 7.30 0.51
N TYR A 76 14.89 7.78 0.22
CA TYR A 76 14.18 7.29 -0.95
C TYR A 76 14.98 7.55 -2.22
N ASN A 77 15.13 6.51 -3.04
CA ASN A 77 15.78 6.60 -4.35
C ASN A 77 14.73 6.22 -5.40
N SER A 78 14.36 7.20 -6.24
CA SER A 78 13.29 6.98 -7.20
C SER A 78 13.70 6.08 -8.36
N ASN A 79 15.00 5.88 -8.58
CA ASN A 79 15.43 4.95 -9.63
C ASN A 79 15.34 3.50 -9.17
N THR A 80 15.77 3.20 -7.96
CA THR A 80 15.76 1.83 -7.45
C THR A 80 14.51 1.51 -6.65
N LEU A 81 13.74 2.52 -6.27
CA LEU A 81 12.61 2.44 -5.36
C LEU A 81 13.00 1.94 -3.97
N ASN A 82 14.28 2.02 -3.62
CA ASN A 82 14.66 1.71 -2.24
C ASN A 82 14.08 2.77 -1.31
N ASN A 83 13.53 2.32 -0.18
CA ASN A 83 12.90 3.19 0.82
C ASN A 83 11.66 3.89 0.27
N ASP A 84 10.78 3.12 -0.39
CA ASP A 84 9.59 3.68 -1.03
C ASP A 84 8.47 3.84 0.00
N ILE A 85 8.62 4.89 0.82
CA ILE A 85 7.71 5.17 1.93
C ILE A 85 7.65 6.67 2.15
N MET A 86 6.45 7.16 2.45
N MET A 86 6.45 7.14 2.54
CA MET A 86 6.26 8.54 2.84
CA MET A 86 6.15 8.56 2.72
C MET A 86 5.15 8.61 3.87
C MET A 86 5.04 8.69 3.76
N LEU A 87 5.15 9.72 4.61
CA LEU A 87 4.11 10.04 5.57
C LEU A 87 3.37 11.28 5.10
N ILE A 88 2.05 11.30 5.33
CA ILE A 88 1.18 12.41 4.97
C ILE A 88 0.40 12.79 6.22
N LYS A 89 0.45 14.06 6.58
CA LYS A 89 -0.30 14.54 7.72
C LYS A 89 -1.58 15.23 7.27
N LEU A 90 -2.66 14.94 7.99
N LEU A 90 -2.66 14.94 7.98
CA LEU A 90 -3.96 15.55 7.73
CA LEU A 90 -3.94 15.56 7.72
C LEU A 90 -4.07 16.89 8.43
C LEU A 90 -4.02 16.92 8.42
N LYS A 91 -4.70 17.86 7.77
CA LYS A 91 -4.85 19.19 8.38
C LYS A 91 -5.68 19.14 9.65
N SER A 92 -6.64 18.22 9.74
CA SER A 92 -7.43 18.02 10.93
C SER A 92 -7.51 16.51 11.17
N ALA A 93 -7.69 16.13 12.43
CA ALA A 93 -7.79 14.72 12.76
C ALA A 93 -9.07 14.13 12.19
N ALA A 94 -8.95 12.92 11.66
CA ALA A 94 -10.13 12.17 11.28
C ALA A 94 -10.92 11.79 12.51
N SER A 95 -12.24 11.70 12.34
N SER A 95 -12.23 11.62 12.32
CA SER A 95 -13.10 11.08 13.33
CA SER A 95 -13.11 11.10 13.38
C SER A 95 -13.00 9.58 13.15
C SER A 95 -13.16 9.59 13.24
N LEU A 96 -12.56 8.88 14.19
CA LEU A 96 -12.39 7.45 14.09
C LEU A 96 -13.66 6.74 14.53
N ASN A 97 -14.00 5.68 13.80
CA ASN A 97 -15.21 4.91 14.02
C ASN A 97 -14.97 3.53 13.43
N SER A 98 -16.00 2.69 13.38
CA SER A 98 -15.81 1.33 12.89
C SER A 98 -15.44 1.26 11.42
N ARG A 99 -15.72 2.31 10.65
CA ARG A 99 -15.48 2.33 9.22
C ARG A 99 -14.28 3.19 8.82
N VAL A 100 -13.74 3.97 9.76
CA VAL A 100 -12.57 4.81 9.55
C VAL A 100 -11.71 4.57 10.78
N ALA A 101 -10.66 3.76 10.62
CA ALA A 101 -9.92 3.27 11.77
C ALA A 101 -8.46 3.15 11.39
N SER A 102 -7.58 3.37 12.36
CA SER A 102 -6.16 3.20 12.11
C SER A 102 -5.75 1.73 12.15
N ILE A 103 -4.64 1.46 11.48
CA ILE A 103 -3.99 0.15 11.49
C ILE A 103 -2.69 0.27 12.28
N SER A 104 -2.43 -0.71 13.15
N SER A 104 -2.43 -0.71 13.13
CA SER A 104 -1.22 -0.69 13.95
CA SER A 104 -1.24 -0.67 13.96
C SER A 104 0.01 -0.97 13.11
C SER A 104 0.02 -1.00 13.15
N LEU A 105 1.13 -0.36 13.53
CA LEU A 105 2.41 -0.68 12.99
C LEU A 105 2.89 -2.01 13.57
N PRO A 106 3.79 -2.68 12.87
CA PRO A 106 4.23 -3.99 13.33
C PRO A 106 5.14 -3.90 14.54
N THR A 107 5.05 -4.93 15.37
CA THR A 107 6.03 -5.17 16.42
C THR A 107 7.21 -5.99 15.92
N SER A 108 6.96 -6.89 14.98
CA SER A 108 8.01 -7.72 14.41
C SER A 108 7.80 -7.80 12.90
N CYS A 109 8.87 -8.04 12.16
CA CYS A 109 8.75 -8.27 10.73
C CYS A 109 8.06 -9.60 10.48
N ALA A 110 7.15 -9.63 9.52
N ALA A 110 7.13 -9.60 9.53
CA ALA A 110 6.45 -10.86 9.17
CA ALA A 110 6.48 -10.83 9.13
C ALA A 110 7.29 -11.75 8.27
C ALA A 110 7.49 -11.78 8.49
N SER A 111 7.12 -13.05 8.43
CA SER A 111 7.93 -14.06 7.78
C SER A 111 7.31 -14.52 6.46
N ALA A 112 8.17 -15.00 5.56
CA ALA A 112 7.70 -15.67 4.37
C ALA A 112 6.73 -16.78 4.76
N GLY A 113 5.66 -16.91 3.99
CA GLY A 113 4.60 -17.84 4.26
C GLY A 113 3.42 -17.25 4.99
N THR A 114 3.60 -16.12 5.66
CA THR A 114 2.48 -15.47 6.35
C THR A 114 1.49 -14.93 5.33
N GLN A 115 0.20 -15.11 5.63
CA GLN A 115 -0.86 -14.62 4.78
C GLN A 115 -1.13 -13.16 5.10
N CYS A 116 -1.36 -12.39 4.06
CA CYS A 116 -1.64 -10.97 4.19
C CYS A 116 -2.82 -10.59 3.30
N LEU A 117 -3.37 -9.42 3.59
CA LEU A 117 -4.46 -8.81 2.82
C LEU A 117 -3.92 -7.56 2.15
N ILE A 118 -4.03 -7.54 0.82
CA ILE A 118 -3.60 -6.42 -0.02
C ILE A 118 -4.88 -5.83 -0.63
N SER A 119 -4.99 -4.51 -0.66
CA SER A 119 -6.23 -3.89 -1.11
C SER A 119 -5.97 -2.62 -1.90
N GLY A 120 -6.91 -2.29 -2.79
CA GLY A 120 -6.80 -1.06 -3.53
C GLY A 120 -7.86 -0.93 -4.62
N TRP A 121 -7.85 0.26 -5.21
CA TRP A 121 -8.75 0.67 -6.29
C TRP A 121 -8.06 0.64 -7.66
N GLY A 122 -6.94 -0.06 -7.77
CA GLY A 122 -6.18 -0.07 -8.99
C GLY A 122 -6.75 -0.98 -10.08
N ASN A 123 -6.04 -0.97 -11.21
CA ASN A 123 -6.40 -1.76 -12.38
C ASN A 123 -6.61 -3.23 -12.00
N THR A 124 -7.64 -3.83 -12.58
CA THR A 124 -7.95 -5.23 -12.36
C THR A 124 -7.53 -6.13 -13.51
N LYS A 125 -6.82 -5.61 -14.52
N LYS A 125 -6.87 -5.59 -14.54
CA LYS A 125 -6.43 -6.39 -15.69
CA LYS A 125 -6.46 -6.35 -15.70
C LYS A 125 -4.91 -6.45 -15.87
C LYS A 125 -4.94 -6.44 -15.77
N SER A 126 -4.40 -7.66 -16.11
N SER A 126 -4.44 -7.64 -16.09
CA SER A 126 -2.99 -7.83 -16.45
CA SER A 126 -3.04 -7.80 -16.44
C SER A 126 -2.70 -7.43 -17.89
C SER A 126 -2.76 -7.25 -17.84
N SER A 127 -3.71 -7.47 -18.76
CA SER A 127 -3.60 -7.04 -20.14
C SER A 127 -4.69 -6.00 -20.38
N GLY A 128 -4.28 -4.78 -20.65
CA GLY A 128 -5.24 -3.71 -20.76
C GLY A 128 -5.57 -3.11 -19.41
N THR A 129 -6.67 -2.34 -19.38
CA THR A 129 -6.99 -1.49 -18.24
C THR A 129 -8.48 -1.49 -17.95
N SER A 130 -8.81 -1.72 -16.69
CA SER A 130 -10.17 -1.51 -16.18
C SER A 130 -10.06 -1.16 -14.71
N TYR A 131 -10.64 -0.01 -14.33
CA TYR A 131 -10.63 0.40 -12.93
C TYR A 131 -11.98 0.07 -12.27
N PRO A 132 -11.95 -0.51 -11.06
CA PRO A 132 -13.17 -1.11 -10.49
C PRO A 132 -14.10 -0.19 -9.73
N ASP A 133 -13.58 0.96 -9.29
CA ASP A 133 -14.29 1.97 -8.50
C ASP A 133 -14.62 1.58 -7.07
N VAL A 134 -14.95 0.31 -6.79
CA VAL A 134 -15.07 -0.19 -5.44
C VAL A 134 -13.78 -0.89 -5.05
N LEU A 135 -13.55 -1.01 -3.75
CA LEU A 135 -12.28 -1.54 -3.25
C LEU A 135 -12.19 -3.04 -3.53
N LYS A 136 -11.03 -3.46 -4.04
CA LYS A 136 -10.72 -4.86 -4.27
C LYS A 136 -9.67 -5.32 -3.27
N CYS A 137 -9.72 -6.61 -3.00
CA CYS A 137 -8.95 -7.27 -1.96
C CYS A 137 -8.28 -8.51 -2.54
N LEU A 138 -7.14 -8.86 -1.98
CA LEU A 138 -6.41 -10.05 -2.37
C LEU A 138 -5.73 -10.62 -1.14
N LYS A 139 -5.96 -11.90 -0.86
CA LYS A 139 -5.20 -12.62 0.15
C LYS A 139 -3.99 -13.25 -0.53
N ALA A 140 -2.80 -13.00 0.01
CA ALA A 140 -1.58 -13.47 -0.63
C ALA A 140 -0.52 -13.71 0.43
N PRO A 141 0.35 -14.69 0.20
CA PRO A 141 1.45 -14.94 1.13
C PRO A 141 2.69 -14.13 0.79
N ILE A 142 3.45 -13.82 1.84
CA ILE A 142 4.80 -13.31 1.65
C ILE A 142 5.67 -14.43 1.09
N LEU A 143 6.49 -14.09 0.10
CA LEU A 143 7.41 -15.05 -0.51
C LEU A 143 8.78 -14.98 0.15
N SER A 144 9.53 -16.06 0.05
CA SER A 144 10.88 -16.08 0.60
C SER A 144 11.75 -15.02 -0.07
N ASP A 145 12.72 -14.51 0.68
CA ASP A 145 13.70 -13.60 0.11
C ASP A 145 14.40 -14.23 -1.08
N SER A 146 14.70 -15.52 -1.00
N SER A 146 14.76 -15.51 -0.98
CA SER A 146 15.35 -16.23 -2.11
CA SER A 146 15.51 -16.13 -2.08
C SER A 146 14.49 -16.21 -3.36
C SER A 146 14.67 -16.18 -3.35
N SER A 147 13.20 -16.57 -3.22
N SER A 147 13.37 -16.48 -3.24
CA SER A 147 12.32 -16.54 -4.38
CA SER A 147 12.53 -16.53 -4.43
C SER A 147 12.21 -15.14 -4.94
C SER A 147 12.23 -15.12 -4.96
N CYS A 148 12.14 -14.14 -4.07
CA CYS A 148 11.97 -12.76 -4.51
C CYS A 148 13.18 -12.30 -5.31
N LYS A 149 14.38 -12.55 -4.78
N LYS A 149 14.38 -12.58 -4.79
CA LYS A 149 15.59 -12.15 -5.49
CA LYS A 149 15.62 -12.16 -5.45
C LYS A 149 15.73 -12.90 -6.80
C LYS A 149 15.88 -12.95 -6.73
N SER A 150 15.38 -14.18 -6.81
CA SER A 150 15.48 -14.93 -8.05
C SER A 150 14.51 -14.40 -9.10
N ALA A 151 13.35 -13.88 -8.67
CA ALA A 151 12.39 -13.33 -9.62
C ALA A 151 12.86 -12.01 -10.20
N TYR A 152 13.58 -11.21 -9.42
CA TYR A 152 14.03 -9.88 -9.81
C TYR A 152 15.52 -9.76 -9.49
N PRO A 153 16.38 -10.53 -10.17
N PRO A 153 16.37 -10.38 -10.32
CA PRO A 153 17.78 -10.56 -9.76
CA PRO A 153 17.82 -10.28 -10.12
C PRO A 153 18.39 -9.17 -9.83
C PRO A 153 18.29 -8.83 -10.01
N GLY A 154 19.10 -8.79 -8.76
N GLY A 154 19.14 -8.58 -9.03
CA GLY A 154 19.78 -7.52 -8.73
CA GLY A 154 19.77 -7.28 -8.88
C GLY A 154 18.93 -6.30 -8.47
C GLY A 154 18.91 -6.17 -8.35
N GLN A 155 17.72 -6.48 -7.95
N GLN A 155 17.65 -6.44 -7.99
CA GLN A 155 16.82 -5.36 -7.68
CA GLN A 155 16.70 -5.37 -7.72
C GLN A 155 16.24 -5.32 -6.28
C GLN A 155 16.08 -5.37 -6.34
N ILE A 156 16.21 -6.43 -5.55
CA ILE A 156 15.53 -6.53 -4.26
C ILE A 156 16.50 -6.13 -3.16
N THR A 157 16.16 -5.07 -2.44
CA THR A 157 16.95 -4.63 -1.30
C THR A 157 16.38 -5.19 0.00
N SER A 158 17.10 -4.93 1.09
CA SER A 158 16.66 -5.34 2.41
C SER A 158 15.41 -4.60 2.86
N ASN A 159 14.96 -3.58 2.11
CA ASN A 159 13.78 -2.81 2.44
C ASN A 159 12.57 -3.20 1.59
N MET A 160 12.63 -4.36 0.96
CA MET A 160 11.58 -4.85 0.08
C MET A 160 11.27 -6.30 0.40
N PHE A 161 10.03 -6.71 0.14
CA PHE A 161 9.69 -8.12 0.12
C PHE A 161 8.71 -8.35 -1.00
N CYS A 162 8.66 -9.60 -1.46
CA CYS A 162 7.69 -10.01 -2.45
C CYS A 162 6.51 -10.70 -1.78
N ALA A 163 5.34 -10.55 -2.38
CA ALA A 163 4.16 -11.28 -1.93
C ALA A 163 3.30 -11.56 -3.15
N GLY A 164 2.59 -12.68 -3.10
CA GLY A 164 1.77 -13.06 -4.21
C GLY A 164 2.01 -14.48 -4.63
N TYR A 165 2.01 -14.69 -5.95
CA TYR A 165 1.89 -16.02 -6.55
C TYR A 165 2.78 -16.06 -7.78
N LEU A 166 3.81 -16.92 -7.75
CA LEU A 166 4.72 -17.02 -8.88
C LEU A 166 4.03 -17.52 -10.14
N GLU A 167 2.91 -18.23 -10.01
N GLU A 167 2.92 -18.25 -10.02
CA GLU A 167 2.19 -18.70 -11.19
CA GLU A 167 2.23 -18.74 -11.20
C GLU A 167 1.40 -17.60 -11.87
C GLU A 167 1.58 -17.62 -11.99
N GLY A 168 1.38 -16.39 -11.33
N GLY A 168 1.31 -16.49 -11.36
CA GLY A 168 0.66 -15.29 -11.93
CA GLY A 168 0.61 -15.38 -11.99
C GLY A 168 -0.85 -15.39 -11.73
C GLY A 168 -0.84 -15.32 -11.57
N GLY A 169 -1.54 -14.34 -12.15
CA GLY A 169 -2.97 -14.26 -12.06
C GLY A 169 -3.52 -13.46 -10.91
N LYS A 170 -2.74 -13.26 -9.85
N LYS A 170 -2.74 -13.23 -9.85
CA LYS A 170 -3.18 -12.57 -8.64
CA LYS A 170 -3.24 -12.56 -8.65
C LYS A 170 -2.07 -11.61 -8.24
C LYS A 170 -2.15 -11.64 -8.12
N ASP A 171 -2.39 -10.32 -8.14
CA ASP A 171 -1.34 -9.35 -7.82
C ASP A 171 -2.00 -8.00 -7.58
N SER A 172 -1.21 -7.08 -7.00
CA SER A 172 -1.58 -5.67 -7.06
C SER A 172 -1.18 -5.10 -8.43
N CYS A 173 -1.60 -3.86 -8.71
CA CYS A 173 -1.44 -3.31 -10.04
C CYS A 173 -1.42 -1.78 -9.97
N GLN A 174 -1.34 -1.14 -11.16
CA GLN A 174 -1.30 0.32 -11.22
C GLN A 174 -2.51 0.89 -10.48
N GLY A 175 -2.29 1.93 -9.70
CA GLY A 175 -3.35 2.55 -8.93
C GLY A 175 -3.50 1.99 -7.54
N ASP A 176 -2.88 0.84 -7.25
CA ASP A 176 -2.83 0.29 -5.91
C ASP A 176 -1.65 0.80 -5.11
N SER A 177 -0.67 1.42 -5.78
CA SER A 177 0.55 1.88 -5.13
C SER A 177 0.24 2.72 -3.91
N GLY A 178 1.05 2.52 -2.87
CA GLY A 178 0.91 3.23 -1.62
C GLY A 178 -0.02 2.56 -0.64
N GLY A 179 -0.83 1.61 -1.10
CA GLY A 179 -1.81 0.99 -0.25
C GLY A 179 -1.22 -0.10 0.64
N PRO A 180 -2.09 -0.68 1.45
CA PRO A 180 -1.65 -1.57 2.54
C PRO A 180 -1.45 -3.03 2.14
N VAL A 181 -0.50 -3.63 2.85
CA VAL A 181 -0.35 -5.07 2.99
C VAL A 181 -0.43 -5.33 4.49
N VAL A 182 -1.51 -5.96 4.94
CA VAL A 182 -1.77 -6.17 6.36
C VAL A 182 -1.72 -7.66 6.66
N CYS A 183 -0.97 -8.03 7.69
CA CYS A 183 -0.78 -9.42 8.04
C CYS A 183 -1.00 -9.52 9.53
N SER A 184 -1.91 -10.39 9.95
CA SER A 184 -2.22 -10.55 11.36
C SER A 184 -2.53 -9.21 12.02
N GLY A 185 -3.26 -8.35 11.30
CA GLY A 185 -3.74 -7.12 11.87
C GLY A 185 -2.71 -6.02 12.02
N LYS A 186 -1.54 -6.15 11.36
CA LYS A 186 -0.52 -5.12 11.40
C LYS A 186 -0.10 -4.76 9.97
N LEU A 187 0.28 -3.49 9.80
CA LEU A 187 0.73 -3.01 8.50
C LEU A 187 2.18 -3.45 8.25
N GLN A 188 2.35 -4.46 7.39
CA GLN A 188 3.68 -4.99 7.09
C GLN A 188 4.24 -4.50 5.77
N GLY A 189 3.40 -4.08 4.83
CA GLY A 189 3.89 -3.69 3.53
C GLY A 189 3.13 -2.51 2.97
N ILE A 190 3.78 -1.89 1.98
CA ILE A 190 3.21 -0.83 1.15
C ILE A 190 3.35 -1.27 -0.30
N VAL A 191 2.27 -1.19 -1.07
CA VAL A 191 2.32 -1.53 -2.49
C VAL A 191 3.34 -0.62 -3.17
N SER A 192 4.37 -1.23 -3.79
CA SER A 192 5.50 -0.45 -4.31
C SER A 192 5.70 -0.66 -5.80
N TRP A 193 6.05 -1.87 -6.26
CA TRP A 193 6.37 -2.02 -7.67
C TRP A 193 6.24 -3.48 -8.10
N GLY A 194 6.39 -3.69 -9.40
CA GLY A 194 6.43 -5.03 -10.00
C GLY A 194 6.52 -4.84 -11.50
N SER A 195 6.84 -5.92 -12.19
N SER A 195 6.81 -5.93 -12.20
CA SER A 195 6.91 -5.88 -13.64
CA SER A 195 6.93 -5.88 -13.66
C SER A 195 5.55 -6.27 -14.21
C SER A 195 5.60 -6.28 -14.30
N GLY A 196 4.86 -5.30 -14.82
CA GLY A 196 3.48 -5.57 -15.21
C GLY A 196 2.65 -5.86 -13.97
N CYS A 197 1.59 -6.64 -14.16
CA CYS A 197 0.75 -7.08 -13.05
C CYS A 197 0.36 -8.52 -13.28
N ALA A 198 0.49 -9.34 -12.24
CA ALA A 198 0.00 -10.71 -12.25
C ALA A 198 0.66 -11.58 -13.32
N GLN A 199 1.88 -11.22 -13.72
CA GLN A 199 2.63 -12.02 -14.68
C GLN A 199 3.36 -13.16 -13.98
N LYS A 200 3.52 -14.26 -14.71
CA LYS A 200 4.26 -15.40 -14.18
C LYS A 200 5.67 -14.98 -13.77
N ASN A 201 6.09 -15.43 -12.59
CA ASN A 201 7.44 -15.23 -12.06
C ASN A 201 7.78 -13.76 -11.80
N LYS A 202 6.77 -12.90 -11.70
CA LYS A 202 6.96 -11.47 -11.43
C LYS A 202 5.97 -11.05 -10.35
N PRO A 203 6.21 -11.46 -9.11
CA PRO A 203 5.29 -11.14 -8.04
C PRO A 203 5.37 -9.67 -7.67
N GLY A 204 4.41 -9.22 -6.87
CA GLY A 204 4.46 -7.87 -6.38
C GLY A 204 5.59 -7.68 -5.39
N VAL A 205 6.13 -6.46 -5.40
CA VAL A 205 7.20 -6.04 -4.50
C VAL A 205 6.66 -4.91 -3.61
N TYR A 206 6.96 -5.02 -2.31
CA TYR A 206 6.35 -4.22 -1.28
C TYR A 206 7.40 -3.63 -0.37
N THR A 207 7.19 -2.39 0.08
CA THR A 207 8.08 -1.78 1.05
C THR A 207 7.94 -2.48 2.39
N LYS A 208 9.07 -2.80 3.02
CA LYS A 208 9.11 -3.58 4.25
C LYS A 208 8.95 -2.64 5.45
N VAL A 209 7.68 -2.45 5.87
CA VAL A 209 7.33 -1.43 6.85
C VAL A 209 8.04 -1.63 8.19
N CYS A 210 8.30 -2.88 8.59
CA CYS A 210 8.91 -3.09 9.90
C CYS A 210 10.28 -2.42 10.01
N ASN A 211 10.96 -2.14 8.90
CA ASN A 211 12.25 -1.47 8.95
C ASN A 211 12.13 0.01 9.27
N TYR A 212 10.92 0.55 9.22
CA TYR A 212 10.68 1.99 9.28
C TYR A 212 9.93 2.42 10.53
N VAL A 213 9.67 1.51 11.46
CA VAL A 213 8.83 1.86 12.61
C VAL A 213 9.45 3.00 13.42
N SER A 214 10.76 2.93 13.68
N SER A 214 10.76 2.92 13.66
CA SER A 214 11.39 4.00 14.44
CA SER A 214 11.42 3.97 14.43
C SER A 214 11.30 5.33 13.71
C SER A 214 11.33 5.32 13.71
N TRP A 215 11.59 5.33 12.41
CA TRP A 215 11.48 6.56 11.63
C TRP A 215 10.06 7.11 11.67
N ILE A 216 9.05 6.24 11.50
CA ILE A 216 7.68 6.70 11.52
C ILE A 216 7.35 7.33 12.86
N LYS A 217 7.67 6.62 13.95
CA LYS A 217 7.31 7.11 15.27
C LYS A 217 8.03 8.42 15.58
N GLN A 218 9.31 8.51 15.27
CA GLN A 218 10.05 9.72 15.58
C GLN A 218 9.59 10.88 14.72
N THR A 219 9.26 10.62 13.46
CA THR A 219 8.80 11.68 12.58
C THR A 219 7.46 12.22 13.06
N ILE A 220 6.53 11.32 13.40
CA ILE A 220 5.24 11.77 13.90
C ILE A 220 5.40 12.58 15.18
N ALA A 221 6.31 12.16 16.06
CA ALA A 221 6.47 12.81 17.36
C ALA A 221 6.95 14.24 17.27
N SER A 222 7.56 14.63 16.14
CA SER A 222 8.15 15.95 15.98
C SER A 222 7.56 16.76 14.82
N ASN A 223 6.47 16.30 14.24
CA ASN A 223 5.87 17.00 13.10
C ASN A 223 4.36 17.07 13.22
C1 D86 B . 2.22 -0.80 -9.46
C1 D86 B . 2.68 -0.81 -9.36
C6 D86 B . 1.86 -1.52 -8.18
C6 D86 B . 2.72 -1.50 -8.02
C5 D86 B . 2.75 -2.72 -7.96
C5 D86 B . 1.98 -2.82 -8.07
N4 D86 B . 2.72 -3.62 -9.12
N4 D86 B . 2.50 -3.67 -9.14
C3 D86 B . 3.13 -2.94 -10.35
C3 D86 B . 2.39 -3.02 -10.46
C2 D86 B . 2.21 -1.76 -10.62
C2 D86 B . 3.17 -1.73 -10.45
C7 D86 B . 2.68 -5.01 -9.01
C7 D86 B . 2.47 -5.03 -9.07
N8 D86 B . 2.43 -5.51 -7.80
N8 D86 B . 2.36 -5.58 -7.86
N9 D86 B . 2.89 -5.80 -10.01
N9 D86 B . 2.53 -5.75 -10.14
S SO4 C . 3.11 -8.36 15.17
O1 SO4 C . 4.00 -9.43 15.58
O2 SO4 C . 2.05 -8.92 14.33
O3 SO4 C . 3.87 -7.34 14.44
O4 SO4 C . 2.52 -7.78 16.36
S SO4 D . -4.18 3.67 -18.32
O1 SO4 D . -3.19 4.65 -18.76
O2 SO4 D . -3.82 2.34 -18.81
O3 SO4 D . -5.48 4.02 -18.86
O4 SO4 D . -4.24 3.65 -16.88
S SO4 E . 20.71 -10.61 -6.19
O1 SO4 E . 20.20 -10.80 -7.55
O2 SO4 E . 20.88 -11.92 -5.56
O3 SO4 E . 19.77 -9.82 -5.40
O4 SO4 E . 22.02 -9.96 -6.23
S SO4 F . -6.61 -10.17 -17.57
O1 SO4 F . -6.25 -9.88 -16.18
O2 SO4 F . -6.04 -11.45 -17.96
O3 SO4 F . -8.06 -10.24 -17.67
O4 SO4 F . -6.13 -9.13 -18.47
S DMS G . -16.90 11.35 -5.45
O DMS G . -16.24 11.46 -4.12
C1 DMS G . -17.85 12.87 -5.73
C2 DMS G . -15.63 11.64 -6.71
S DMS H . -11.90 9.04 -9.64
O DMS H . -10.43 9.18 -9.71
C1 DMS H . -12.23 7.27 -9.74
C2 DMS H . -12.36 9.35 -7.92
S DMS I . -11.25 -7.90 3.78
O DMS I . -10.84 -9.32 3.69
C1 DMS I . -12.95 -7.89 3.25
C2 DMS I . -11.33 -7.40 5.52
S DMS J . 17.43 9.08 -7.54
O DMS J . 17.24 9.39 -6.09
C1 DMS J . 16.79 10.52 -8.44
C2 DMS J . 19.20 9.29 -7.84
S DMS K . 1.48 21.02 -1.18
O DMS K . 0.90 21.02 -2.55
C1 DMS K . 3.28 20.96 -1.31
C2 DMS K . 1.33 22.70 -0.53
#